data_8TCL
#
_entry.id   8TCL
#
_cell.length_a   77.579
_cell.length_b   99.624
_cell.length_c   104.161
_cell.angle_alpha   90.00
_cell.angle_beta   90.00
_cell.angle_gamma   90.00
#
_symmetry.space_group_name_H-M   'I 2 2 2'
#
loop_
_entity.id
_entity.type
_entity.pdbx_description
1 polymer 'p51 subunit'
2 non-polymer 'PICRIC ACID'
3 water water
#
_entity_poly.entity_id   1
_entity_poly.type   'polypeptide(L)'
_entity_poly.pdbx_seq_one_letter_code
;SDHHHHHHGPISPIETVPVKLKPGMDGPKVKQWPLTEEKIKALVEICTEMEKEGKISKIGPENPYNTPVFAIKKKDSTKW
RKLVDFRELNKRTQDFWEVQLGIPHPAGLKKKKSVTVLDVGDAYFSVPLDEDFRKYTAFTIPSINNETPGIRYQYNVLPQ
GWKGSPAIFQSSMTKILEPFKKQNPDIVIYQYMDDLYVGSDLEIGQHRTKISELRQHLLRWGLTTPDGYELHPDKWTGSG
SGGYDPSKDLIAEIQKQGQGQWTYQIYQEPSKNLKTGKYARMRGAHTNDVKQLTEAVQKITTESIVIWGKTPKFKLPIQK
ETWETWWTEYWQATWIPEWEFVN
;
_entity_poly.pdbx_strand_id   B
#
# COMPACT_ATOMS: atom_id res chain seq x y z
N GLY A 9 -4.04 -21.17 -0.16
CA GLY A 9 -4.95 -22.10 -0.90
C GLY A 9 -4.78 -22.10 -2.40
N PRO A 10 -5.39 -23.08 -3.09
CA PRO A 10 -5.24 -23.17 -4.54
C PRO A 10 -6.09 -22.15 -5.27
N ILE A 11 -5.69 -21.82 -6.50
CA ILE A 11 -6.44 -20.84 -7.26
C ILE A 11 -7.50 -21.56 -8.12
N SER A 12 -8.45 -20.77 -8.59
CA SER A 12 -9.53 -21.24 -9.46
C SER A 12 -9.33 -20.61 -10.84
N PRO A 13 -8.96 -21.39 -11.87
CA PRO A 13 -8.67 -20.78 -13.17
C PRO A 13 -9.80 -19.95 -13.70
N ILE A 14 -11.06 -20.27 -13.37
CA ILE A 14 -12.12 -19.45 -13.93
C ILE A 14 -12.18 -18.05 -13.35
N GLU A 15 -11.40 -17.75 -12.31
CA GLU A 15 -11.37 -16.40 -11.76
C GLU A 15 -10.28 -15.52 -12.40
N THR A 16 -9.66 -16.01 -13.48
CA THR A 16 -8.71 -15.20 -14.25
C THR A 16 -9.48 -14.15 -15.05
N VAL A 17 -9.09 -12.89 -14.91
CA VAL A 17 -9.76 -11.76 -15.54
C VAL A 17 -8.79 -11.14 -16.55
N PRO A 18 -9.22 -10.89 -17.79
CA PRO A 18 -8.30 -10.26 -18.75
C PRO A 18 -8.01 -8.83 -18.36
N VAL A 19 -6.76 -8.43 -18.50
CA VAL A 19 -6.36 -7.07 -18.16
C VAL A 19 -5.31 -6.64 -19.18
N LYS A 20 -5.18 -5.33 -19.34
CA LYS A 20 -4.19 -4.84 -20.27
C LYS A 20 -3.67 -3.49 -19.81
N LEU A 21 -2.56 -3.11 -20.43
CA LEU A 21 -2.00 -1.78 -20.28
C LEU A 21 -2.86 -0.75 -21.03
N LYS A 22 -2.69 0.51 -20.66
CA LYS A 22 -3.33 1.60 -21.38
C LYS A 22 -2.86 1.59 -22.84
N PRO A 23 -3.73 2.04 -23.76
CA PRO A 23 -3.40 2.02 -25.19
C PRO A 23 -2.04 2.64 -25.47
N GLY A 24 -1.24 1.94 -26.25
CA GLY A 24 0.04 2.48 -26.67
C GLY A 24 1.08 2.62 -25.59
N MET A 25 0.86 2.05 -24.41
CA MET A 25 1.88 2.02 -23.36
C MET A 25 2.53 0.64 -23.30
N ASP A 26 3.86 0.63 -23.10
CA ASP A 26 4.53 -0.64 -22.83
C ASP A 26 4.64 -0.84 -21.32
N GLY A 27 5.17 -2.00 -20.95
CA GLY A 27 5.34 -2.35 -19.56
C GLY A 27 6.44 -1.54 -18.92
N PRO A 28 6.56 -1.68 -17.61
CA PRO A 28 7.53 -0.90 -16.86
C PRO A 28 8.94 -1.44 -16.99
N LYS A 29 9.91 -0.53 -16.97
N LYS A 29 9.92 -0.53 -16.96
CA LYS A 29 11.32 -0.91 -16.90
CA LYS A 29 11.34 -0.89 -16.94
C LYS A 29 12.00 0.08 -15.96
C LYS A 29 12.01 0.08 -15.96
N VAL A 30 11.91 -0.22 -14.67
CA VAL A 30 12.48 0.57 -13.59
C VAL A 30 13.45 -0.35 -12.91
N LYS A 31 14.72 0.07 -12.86
CA LYS A 31 15.79 -0.83 -12.44
C LYS A 31 15.76 -1.10 -10.94
N GLN A 32 16.22 -2.28 -10.54
CA GLN A 32 16.31 -2.69 -9.14
C GLN A 32 17.47 -1.96 -8.48
N TRP A 33 17.20 -1.23 -7.42
N TRP A 33 17.19 -1.25 -7.40
CA TRP A 33 18.32 -0.58 -6.75
CA TRP A 33 18.28 -0.58 -6.71
C TRP A 33 19.05 -1.57 -5.85
C TRP A 33 19.06 -1.59 -5.88
N PRO A 34 20.30 -1.29 -5.53
CA PRO A 34 21.08 -2.23 -4.72
C PRO A 34 20.45 -2.41 -3.35
N LEU A 35 20.54 -3.63 -2.82
CA LEU A 35 20.06 -3.96 -1.48
C LEU A 35 21.18 -4.54 -0.63
N THR A 36 21.03 -4.43 0.69
CA THR A 36 21.99 -5.07 1.61
C THR A 36 21.89 -6.59 1.52
N GLU A 37 23.02 -7.25 1.82
CA GLU A 37 23.06 -8.71 1.83
C GLU A 37 21.98 -9.29 2.72
N GLU A 38 21.71 -8.63 3.85
CA GLU A 38 20.63 -9.07 4.71
C GLU A 38 19.30 -9.06 3.97
N LYS A 39 19.00 -7.98 3.27
CA LYS A 39 17.72 -7.87 2.58
C LYS A 39 17.64 -8.86 1.43
N ILE A 40 18.75 -9.06 0.72
CA ILE A 40 18.75 -10.04 -0.38
C ILE A 40 18.43 -11.43 0.14
N LYS A 41 19.09 -11.85 1.22
CA LYS A 41 18.82 -13.15 1.82
C LYS A 41 17.35 -13.30 2.17
N ALA A 42 16.77 -12.27 2.79
CA ALA A 42 15.37 -12.31 3.15
C ALA A 42 14.50 -12.51 1.91
N LEU A 43 14.81 -11.77 0.84
CA LEU A 43 14.03 -11.86 -0.38
C LEU A 43 14.15 -13.22 -1.03
N VAL A 44 15.35 -13.76 -1.03
CA VAL A 44 15.54 -15.10 -1.58
C VAL A 44 14.70 -16.10 -0.82
N GLU A 45 14.67 -15.98 0.51
CA GLU A 45 13.88 -16.90 1.33
C GLU A 45 12.39 -16.74 1.01
N ILE A 46 11.90 -15.51 0.98
CA ILE A 46 10.50 -15.24 0.69
C ILE A 46 10.13 -15.76 -0.69
N CYS A 47 10.96 -15.46 -1.69
CA CYS A 47 10.62 -15.80 -3.06
C CYS A 47 10.72 -17.30 -3.28
N THR A 48 11.64 -17.98 -2.62
CA THR A 48 11.68 -19.42 -2.75
C THR A 48 10.36 -20.05 -2.25
N GLU A 49 9.76 -19.49 -1.21
CA GLU A 49 8.50 -20.02 -0.70
C GLU A 49 7.33 -19.66 -1.63
N MET A 50 7.28 -18.43 -2.11
CA MET A 50 6.24 -18.06 -3.06
C MET A 50 6.29 -18.92 -4.30
N GLU A 51 7.49 -19.18 -4.82
CA GLU A 51 7.62 -20.02 -5.99
C GLU A 51 7.16 -21.45 -5.72
N LYS A 52 7.55 -22.03 -4.57
CA LYS A 52 7.09 -23.38 -4.23
C LYS A 52 5.57 -23.45 -4.22
N GLU A 53 4.90 -22.38 -3.78
CA GLU A 53 3.44 -22.34 -3.72
C GLU A 53 2.78 -21.86 -5.00
N GLY A 54 3.52 -21.66 -6.10
CA GLY A 54 2.96 -21.23 -7.38
C GLY A 54 2.62 -19.75 -7.50
N LYS A 55 2.96 -18.91 -6.53
CA LYS A 55 2.54 -17.52 -6.57
C LYS A 55 3.43 -16.66 -7.47
N ILE A 56 4.68 -17.07 -7.67
CA ILE A 56 5.57 -16.48 -8.66
C ILE A 56 6.31 -17.61 -9.35
N SER A 57 6.92 -17.28 -10.49
CA SER A 57 7.70 -18.23 -11.29
C SER A 57 8.97 -17.52 -11.77
N LYS A 58 10.07 -18.25 -11.79
CA LYS A 58 11.28 -17.77 -12.44
C LYS A 58 11.00 -17.53 -13.91
N ILE A 59 11.60 -16.48 -14.48
CA ILE A 59 11.42 -16.19 -15.90
C ILE A 59 12.73 -16.30 -16.66
N GLY A 60 12.61 -16.44 -17.97
CA GLY A 60 13.74 -16.61 -18.86
C GLY A 60 14.31 -15.29 -19.32
N PRO A 61 15.29 -15.38 -20.23
CA PRO A 61 16.03 -14.19 -20.64
C PRO A 61 15.26 -13.26 -21.56
N GLU A 62 14.08 -13.66 -22.05
CA GLU A 62 13.45 -12.82 -23.06
C GLU A 62 12.77 -11.60 -22.43
N ASN A 63 12.29 -11.73 -21.19
CA ASN A 63 11.48 -10.68 -20.57
C ASN A 63 12.31 -9.44 -20.26
N PRO A 64 11.93 -8.29 -20.78
CA PRO A 64 12.71 -7.05 -20.58
C PRO A 64 12.20 -6.09 -19.52
N TYR A 65 11.10 -6.40 -18.84
CA TYR A 65 10.48 -5.49 -17.89
C TYR A 65 11.09 -5.61 -16.52
N ASN A 66 10.83 -4.58 -15.70
CA ASN A 66 11.28 -4.65 -14.33
C ASN A 66 10.58 -3.64 -13.46
N THR A 67 10.27 -4.10 -12.25
CA THR A 67 9.67 -3.34 -11.18
C THR A 67 10.54 -3.57 -9.94
N PRO A 68 10.89 -2.52 -9.20
CA PRO A 68 11.79 -2.69 -8.06
C PRO A 68 11.09 -3.27 -6.85
N VAL A 69 11.86 -4.05 -6.09
CA VAL A 69 11.37 -4.64 -4.86
C VAL A 69 12.32 -4.26 -3.73
N PHE A 70 11.81 -4.38 -2.50
CA PHE A 70 12.70 -4.29 -1.36
C PHE A 70 12.08 -5.06 -0.22
N ALA A 71 12.79 -5.06 0.91
CA ALA A 71 12.47 -5.87 2.08
C ALA A 71 12.38 -4.95 3.29
N ILE A 72 11.39 -5.19 4.15
CA ILE A 72 11.13 -4.33 5.31
C ILE A 72 10.82 -5.29 6.46
N LYS A 79 10.78 -11.20 11.32
CA LYS A 79 9.92 -11.47 10.18
C LYS A 79 10.01 -10.37 9.11
N TRP A 80 10.37 -10.77 7.90
CA TRP A 80 10.55 -9.79 6.82
C TRP A 80 9.36 -9.84 5.87
N ARG A 81 9.10 -8.73 5.20
CA ARG A 81 8.07 -8.71 4.17
C ARG A 81 8.67 -8.09 2.90
N LYS A 82 8.27 -8.65 1.76
CA LYS A 82 8.64 -8.13 0.46
C LYS A 82 7.66 -7.03 0.09
N LEU A 83 8.21 -5.87 -0.29
CA LEU A 83 7.44 -4.76 -0.81
C LEU A 83 7.87 -4.52 -2.25
N VAL A 84 6.88 -4.33 -3.11
CA VAL A 84 7.10 -4.03 -4.53
C VAL A 84 6.61 -2.61 -4.77
N ASP A 85 7.44 -1.84 -5.49
CA ASP A 85 7.05 -0.49 -5.88
C ASP A 85 6.44 -0.57 -7.28
N PHE A 86 5.13 -0.82 -7.33
CA PHE A 86 4.38 -0.89 -8.55
C PHE A 86 3.96 0.48 -9.08
N ARG A 87 4.56 1.59 -8.67
CA ARG A 87 4.05 2.89 -9.12
C ARG A 87 3.99 2.96 -10.64
N GLU A 88 5.05 2.53 -11.31
CA GLU A 88 5.12 2.68 -12.76
C GLU A 88 4.17 1.71 -13.46
N LEU A 89 4.12 0.45 -13.01
CA LEU A 89 3.10 -0.45 -13.56
C LEU A 89 1.70 0.10 -13.35
N ASN A 90 1.43 0.64 -12.18
CA ASN A 90 0.10 1.18 -11.93
C ASN A 90 -0.25 2.31 -12.90
N LYS A 91 0.74 3.14 -13.26
CA LYS A 91 0.44 4.23 -14.20
C LYS A 91 0.10 3.72 -15.57
N ARG A 92 0.68 2.58 -15.94
CA ARG A 92 0.55 2.00 -17.27
C ARG A 92 -0.60 1.02 -17.38
N THR A 93 -1.21 0.65 -16.24
CA THR A 93 -2.29 -0.31 -16.25
C THR A 93 -3.61 0.40 -16.57
N GLN A 94 -4.45 -0.27 -17.35
CA GLN A 94 -5.76 0.22 -17.71
C GLN A 94 -6.54 0.70 -16.49
N ASP A 95 -7.54 1.55 -16.71
CA ASP A 95 -8.48 1.90 -15.66
C ASP A 95 -9.57 0.83 -15.63
N PHE A 96 -10.19 0.70 -14.46
CA PHE A 96 -11.31 -0.23 -14.25
C PHE A 96 -12.60 0.56 -14.04
N TRP A 97 -13.64 0.23 -14.80
CA TRP A 97 -14.86 1.06 -14.85
C TRP A 97 -15.63 1.06 -13.52
CA ILE A 103 -16.75 3.23 -3.94
C ILE A 103 -16.78 4.61 -3.32
N PRO A 104 -17.95 5.03 -2.85
CA PRO A 104 -18.05 6.34 -2.20
C PRO A 104 -17.44 6.35 -0.81
N HIS A 105 -16.89 7.51 -0.47
CA HIS A 105 -16.23 7.70 0.81
C HIS A 105 -17.24 8.24 1.81
N PRO A 106 -17.45 7.56 2.95
CA PRO A 106 -18.41 8.06 3.94
C PRO A 106 -17.90 9.30 4.66
N ALA A 107 -18.71 10.36 4.63
CA ALA A 107 -18.36 11.57 5.37
C ALA A 107 -18.41 11.37 6.87
N GLY A 108 -19.05 10.30 7.35
CA GLY A 108 -19.12 10.05 8.77
C GLY A 108 -18.01 9.18 9.32
N LEU A 109 -17.10 8.67 8.48
CA LEU A 109 -16.04 7.82 9.00
C LEU A 109 -15.16 8.58 9.99
N LYS A 110 -14.88 9.84 9.70
CA LYS A 110 -14.03 10.62 10.59
C LYS A 110 -14.73 11.02 11.88
N LYS A 111 -16.05 10.85 11.95
CA LYS A 111 -16.81 11.18 13.16
C LYS A 111 -16.93 9.99 14.10
N LYS A 112 -16.38 8.83 13.75
CA LYS A 112 -16.55 7.63 14.55
C LYS A 112 -15.62 7.64 15.75
N LYS A 113 -16.08 7.03 16.84
CA LYS A 113 -15.21 6.94 18.02
C LYS A 113 -13.95 6.15 17.71
N SER A 114 -14.08 5.11 16.85
CA SER A 114 -12.96 4.25 16.51
C SER A 114 -13.06 3.82 15.06
N VAL A 115 -11.91 3.80 14.39
CA VAL A 115 -11.76 3.23 13.06
C VAL A 115 -10.55 2.31 13.10
N THR A 116 -10.74 1.04 12.78
CA THR A 116 -9.66 0.06 12.72
C THR A 116 -9.36 -0.21 11.27
N VAL A 117 -8.10 -0.06 10.89
CA VAL A 117 -7.59 -0.36 9.56
C VAL A 117 -7.08 -1.80 9.53
N LEU A 118 -7.64 -2.60 8.62
CA LEU A 118 -7.21 -3.97 8.39
C LEU A 118 -6.66 -4.14 6.98
N ASP A 119 -5.46 -4.71 6.90
CA ASP A 119 -4.82 -5.07 5.63
C ASP A 119 -5.45 -6.37 5.14
N VAL A 120 -6.14 -6.31 4.02
CA VAL A 120 -6.77 -7.50 3.43
C VAL A 120 -6.05 -7.95 2.16
N GLY A 121 -4.78 -7.56 2.01
CA GLY A 121 -4.02 -7.92 0.82
C GLY A 121 -3.71 -9.40 0.69
N ASP A 122 -3.83 -10.16 1.79
CA ASP A 122 -3.64 -11.61 1.74
C ASP A 122 -4.63 -12.29 0.78
N ALA A 123 -5.79 -11.68 0.53
CA ALA A 123 -6.77 -12.26 -0.39
C ALA A 123 -6.17 -12.55 -1.74
N TYR A 124 -5.22 -11.71 -2.17
CA TYR A 124 -4.80 -11.68 -3.56
C TYR A 124 -4.02 -12.93 -3.93
N PHE A 125 -3.33 -13.55 -2.97
CA PHE A 125 -2.55 -14.74 -3.28
C PHE A 125 -3.41 -15.88 -3.81
N SER A 126 -4.73 -15.82 -3.62
CA SER A 126 -5.61 -16.91 -3.99
C SER A 126 -6.28 -16.69 -5.33
N VAL A 127 -5.89 -15.68 -6.07
CA VAL A 127 -6.58 -15.28 -7.30
C VAL A 127 -5.55 -15.18 -8.42
N PRO A 128 -5.80 -15.82 -9.57
CA PRO A 128 -4.80 -15.81 -10.66
C PRO A 128 -4.74 -14.49 -11.36
N LEU A 129 -3.56 -14.20 -11.90
CA LEU A 129 -3.36 -13.08 -12.79
C LEU A 129 -3.36 -13.55 -14.25
N ASP A 130 -4.10 -12.82 -15.09
CA ASP A 130 -4.11 -13.00 -16.54
C ASP A 130 -2.72 -13.38 -17.02
N GLU A 131 -2.63 -14.56 -17.66
CA GLU A 131 -1.34 -15.10 -18.07
C GLU A 131 -0.60 -14.18 -19.02
N ASP A 132 -1.32 -13.42 -19.84
CA ASP A 132 -0.68 -12.50 -20.78
C ASP A 132 -0.16 -11.22 -20.12
N PHE A 133 -0.59 -10.93 -18.89
CA PHE A 133 -0.15 -9.74 -18.18
C PHE A 133 0.99 -10.01 -17.22
N ARG A 134 1.23 -11.28 -16.90
CA ARG A 134 2.22 -11.67 -15.90
C ARG A 134 3.58 -11.06 -16.22
N LYS A 135 3.94 -11.00 -17.51
CA LYS A 135 5.27 -10.53 -17.90
C LYS A 135 5.53 -9.11 -17.39
N TYR A 136 4.50 -8.29 -17.29
CA TYR A 136 4.71 -6.92 -16.86
C TYR A 136 4.98 -6.79 -15.37
N THR A 137 4.88 -7.87 -14.61
CA THR A 137 5.15 -7.87 -13.16
C THR A 137 6.56 -8.34 -12.86
N ALA A 138 7.41 -8.49 -13.88
CA ALA A 138 8.75 -9.02 -13.66
C ALA A 138 9.52 -8.18 -12.65
N PHE A 139 10.30 -8.87 -11.82
CA PHE A 139 11.15 -8.17 -10.86
C PHE A 139 12.41 -8.99 -10.69
N THR A 140 13.37 -8.40 -10.00
CA THR A 140 14.71 -8.95 -9.89
C THR A 140 15.15 -8.93 -8.43
N ILE A 141 15.50 -10.09 -7.91
CA ILE A 141 16.23 -10.14 -6.65
C ILE A 141 17.69 -9.79 -6.95
N PRO A 142 18.21 -8.66 -6.49
CA PRO A 142 19.54 -8.23 -6.92
C PRO A 142 20.64 -9.10 -6.34
N SER A 143 21.78 -9.08 -7.02
CA SER A 143 23.02 -9.68 -6.55
C SER A 143 23.67 -8.67 -5.60
N ILE A 144 24.69 -9.11 -4.88
CA ILE A 144 25.40 -8.21 -3.98
C ILE A 144 26.02 -7.08 -4.80
N ASN A 145 25.68 -5.85 -4.45
CA ASN A 145 26.15 -4.63 -5.09
C ASN A 145 25.71 -4.49 -6.54
N ASN A 146 24.78 -5.34 -7.01
CA ASN A 146 24.32 -5.31 -8.41
C ASN A 146 25.47 -5.60 -9.38
N GLU A 147 26.40 -6.48 -8.99
CA GLU A 147 27.58 -6.74 -9.81
C GLU A 147 27.35 -7.83 -10.83
N THR A 148 26.43 -8.73 -10.54
CA THR A 148 26.13 -9.89 -11.36
C THR A 148 24.62 -9.94 -11.52
N PRO A 149 24.15 -10.67 -12.51
CA PRO A 149 22.72 -10.69 -12.79
C PRO A 149 21.95 -11.27 -11.61
N GLY A 150 20.83 -10.62 -11.28
CA GLY A 150 19.99 -11.09 -10.22
C GLY A 150 19.10 -12.24 -10.66
N ILE A 151 18.15 -12.58 -9.80
CA ILE A 151 17.23 -13.69 -10.03
C ILE A 151 15.89 -13.12 -10.46
N ARG A 152 15.44 -13.46 -11.65
CA ARG A 152 14.27 -12.83 -12.26
C ARG A 152 13.02 -13.68 -12.03
N TYR A 153 11.92 -13.03 -11.65
CA TYR A 153 10.63 -13.67 -11.37
C TYR A 153 9.53 -12.80 -11.96
N GLN A 154 8.34 -13.40 -12.13
CA GLN A 154 7.10 -12.65 -12.34
C GLN A 154 5.98 -13.25 -11.47
N TYR A 155 4.91 -12.46 -11.29
CA TYR A 155 3.74 -12.91 -10.53
C TYR A 155 2.81 -13.79 -11.39
N ASN A 156 2.28 -14.83 -10.76
CA ASN A 156 1.21 -15.64 -11.34
C ASN A 156 -0.15 -15.36 -10.70
N VAL A 157 -0.17 -14.61 -9.59
CA VAL A 157 -1.38 -14.23 -8.88
C VAL A 157 -1.44 -12.71 -8.79
N LEU A 158 -2.61 -12.22 -8.39
CA LEU A 158 -2.78 -10.78 -8.17
C LEU A 158 -1.72 -10.28 -7.19
N PRO A 159 -0.91 -9.26 -7.56
CA PRO A 159 0.11 -8.77 -6.65
C PRO A 159 -0.37 -7.68 -5.70
N GLN A 160 0.15 -7.74 -4.49
CA GLN A 160 -0.13 -6.67 -3.54
C GLN A 160 0.53 -5.38 -4.02
N GLY A 161 -0.21 -4.30 -3.96
CA GLY A 161 0.30 -2.99 -4.40
C GLY A 161 0.00 -2.68 -5.83
N TRP A 162 -0.53 -3.64 -6.58
CA TRP A 162 -0.92 -3.42 -7.98
C TRP A 162 -2.36 -2.93 -8.03
N LYS A 163 -2.57 -1.83 -8.75
CA LYS A 163 -3.85 -1.16 -8.98
C LYS A 163 -4.97 -2.13 -9.29
N GLY A 164 -4.67 -3.14 -10.09
CA GLY A 164 -5.69 -4.05 -10.54
C GLY A 164 -6.22 -4.98 -9.46
N SER A 165 -5.41 -5.23 -8.42
CA SER A 165 -5.77 -6.33 -7.51
C SER A 165 -7.04 -6.02 -6.73
N PRO A 166 -7.17 -4.89 -6.02
CA PRO A 166 -8.44 -4.62 -5.32
C PRO A 166 -9.62 -4.52 -6.25
N ALA A 167 -9.43 -4.00 -7.46
CA ALA A 167 -10.53 -3.90 -8.42
C ALA A 167 -11.04 -5.28 -8.82
N ILE A 168 -10.13 -6.20 -9.12
CA ILE A 168 -10.54 -7.55 -9.54
C ILE A 168 -11.17 -8.33 -8.39
N PHE A 169 -10.70 -8.13 -7.16
CA PHE A 169 -11.21 -8.89 -6.02
C PHE A 169 -12.50 -8.31 -5.43
N GLN A 170 -12.97 -7.17 -5.93
CA GLN A 170 -14.05 -6.45 -5.23
C GLN A 170 -15.31 -7.30 -5.16
N SER A 171 -15.62 -8.05 -6.21
CA SER A 171 -16.83 -8.85 -6.19
C SER A 171 -16.77 -9.91 -5.10
N SER A 172 -15.63 -10.59 -4.96
CA SER A 172 -15.50 -11.55 -3.87
C SER A 172 -15.50 -10.85 -2.53
N MET A 173 -14.81 -9.72 -2.41
CA MET A 173 -14.80 -9.04 -1.11
C MET A 173 -16.21 -8.72 -0.67
N THR A 174 -17.02 -8.22 -1.60
CA THR A 174 -18.40 -7.88 -1.28
C THR A 174 -19.17 -9.09 -0.77
N LYS A 175 -19.09 -10.22 -1.49
CA LYS A 175 -19.75 -11.43 -1.05
C LYS A 175 -19.30 -11.86 0.34
N ILE A 176 -18.00 -11.75 0.62
CA ILE A 176 -17.48 -12.11 1.91
C ILE A 176 -17.99 -11.17 2.98
N LEU A 177 -18.08 -9.87 2.68
CA LEU A 177 -18.45 -8.94 3.75
C LEU A 177 -19.95 -8.93 4.01
N GLU A 178 -20.77 -9.38 3.05
CA GLU A 178 -22.21 -9.15 3.15
C GLU A 178 -22.81 -9.58 4.47
N PRO A 179 -22.57 -10.78 4.99
CA PRO A 179 -23.23 -11.16 6.26
C PRO A 179 -22.77 -10.31 7.41
N PHE A 180 -21.50 -9.90 7.44
CA PHE A 180 -21.10 -9.00 8.52
C PHE A 180 -21.81 -7.67 8.41
N LYS A 181 -21.90 -7.12 7.19
CA LYS A 181 -22.53 -5.82 7.04
C LYS A 181 -24.02 -5.88 7.41
N LYS A 182 -24.72 -6.93 6.95
CA LYS A 182 -26.14 -7.06 7.25
C LYS A 182 -26.37 -7.15 8.75
N GLN A 183 -25.50 -7.85 9.46
CA GLN A 183 -25.70 -7.98 10.90
C GLN A 183 -25.20 -6.78 11.70
N ASN A 184 -24.41 -5.89 11.10
CA ASN A 184 -23.87 -4.75 11.82
C ASN A 184 -24.15 -3.46 11.07
N PRO A 185 -25.41 -3.09 10.97
CA PRO A 185 -25.76 -1.83 10.29
C PRO A 185 -25.16 -0.59 10.95
N ASP A 186 -24.79 -0.65 12.23
CA ASP A 186 -24.18 0.52 12.85
C ASP A 186 -22.69 0.61 12.60
N ILE A 187 -22.14 -0.23 11.74
CA ILE A 187 -20.71 -0.25 11.48
C ILE A 187 -20.46 0.20 10.05
N VAL A 188 -19.59 1.16 9.89
CA VAL A 188 -19.19 1.61 8.56
C VAL A 188 -17.95 0.86 8.14
N ILE A 189 -17.99 0.24 6.97
CA ILE A 189 -16.82 -0.38 6.37
C ILE A 189 -16.54 0.30 5.06
N TYR A 190 -15.38 0.97 4.99
CA TYR A 190 -14.90 1.70 3.82
C TYR A 190 -13.64 1.00 3.34
N GLN A 191 -13.58 0.71 2.05
CA GLN A 191 -12.38 0.09 1.50
C GLN A 191 -11.59 1.11 0.70
N TYR A 192 -10.28 1.17 0.95
CA TYR A 192 -9.36 1.98 0.14
C TYR A 192 -8.16 1.11 -0.22
N MET A 193 -7.89 0.94 -1.50
CA MET A 193 -6.76 0.12 -1.95
C MET A 193 -6.87 -1.23 -1.24
N ASP A 194 -5.86 -1.64 -0.48
CA ASP A 194 -5.84 -2.99 0.08
C ASP A 194 -6.24 -3.00 1.56
N ASP A 195 -6.90 -1.97 2.05
CA ASP A 195 -7.27 -1.88 3.44
C ASP A 195 -8.76 -1.68 3.62
N LEU A 196 -9.29 -2.25 4.69
CA LEU A 196 -10.61 -1.92 5.17
C LEU A 196 -10.50 -0.98 6.36
N TYR A 197 -11.33 0.07 6.36
CA TYR A 197 -11.44 1.02 7.45
C TYR A 197 -12.77 0.72 8.12
N VAL A 198 -12.72 0.18 9.34
CA VAL A 198 -13.94 -0.30 10.02
C VAL A 198 -14.25 0.62 11.19
N GLY A 199 -15.33 1.39 11.07
CA GLY A 199 -15.61 2.47 12.00
C GLY A 199 -16.89 2.21 12.77
N SER A 200 -16.86 2.48 14.07
CA SER A 200 -18.08 2.46 14.86
C SER A 200 -17.99 3.49 15.98
N ASP A 201 -19.13 3.72 16.64
CA ASP A 201 -19.21 4.53 17.85
C ASP A 201 -19.37 3.66 19.10
N LEU A 202 -19.03 2.38 19.00
CA LEU A 202 -19.16 1.48 20.13
C LEU A 202 -18.10 1.78 21.19
N GLU A 203 -18.41 1.38 22.43
CA GLU A 203 -17.38 1.27 23.47
C GLU A 203 -16.18 0.50 22.90
N ILE A 204 -14.98 0.89 23.32
CA ILE A 204 -13.79 0.37 22.66
C ILE A 204 -13.76 -1.16 22.74
N GLY A 205 -14.16 -1.72 23.87
CA GLY A 205 -14.17 -3.18 23.99
C GLY A 205 -15.15 -3.83 23.04
N GLN A 206 -16.32 -3.22 22.88
CA GLN A 206 -17.31 -3.79 21.97
C GLN A 206 -16.86 -3.66 20.53
N HIS A 207 -16.29 -2.51 20.17
CA HIS A 207 -15.72 -2.29 18.85
C HIS A 207 -14.69 -3.38 18.54
N ARG A 208 -13.77 -3.62 19.48
CA ARG A 208 -12.73 -4.63 19.25
C ARG A 208 -13.33 -6.01 19.03
N THR A 209 -14.39 -6.31 19.77
CA THR A 209 -15.10 -7.56 19.58
C THR A 209 -15.65 -7.66 18.16
N LYS A 210 -16.23 -6.57 17.65
CA LYS A 210 -16.74 -6.63 16.27
C LYS A 210 -15.60 -6.84 15.29
N ILE A 211 -14.46 -6.18 15.55
CA ILE A 211 -13.31 -6.40 14.68
C ILE A 211 -12.91 -7.87 14.66
N SER A 212 -12.88 -8.49 15.85
CA SER A 212 -12.49 -9.90 15.92
C SER A 212 -13.48 -10.76 15.17
N GLU A 213 -14.79 -10.51 15.36
CA GLU A 213 -15.79 -11.25 14.61
C GLU A 213 -15.56 -11.10 13.12
N LEU A 214 -15.17 -9.90 12.67
CA LEU A 214 -14.93 -9.66 11.25
C LEU A 214 -13.71 -10.42 10.78
N ARG A 215 -12.61 -10.36 11.55
CA ARG A 215 -11.42 -11.09 11.16
C ARG A 215 -11.66 -12.59 11.11
N GLN A 216 -12.45 -13.13 12.04
CA GLN A 216 -12.72 -14.56 12.01
C GLN A 216 -13.58 -14.91 10.79
N HIS A 217 -14.51 -14.04 10.41
CA HIS A 217 -15.28 -14.27 9.18
C HIS A 217 -14.37 -14.29 7.95
N LEU A 218 -13.51 -13.28 7.83
CA LEU A 218 -12.56 -13.25 6.72
C LEU A 218 -11.74 -14.52 6.69
N LEU A 219 -11.23 -14.92 7.85
CA LEU A 219 -10.38 -16.09 7.93
C LEU A 219 -11.12 -17.36 7.54
N ARG A 220 -12.41 -17.46 7.90
CA ARG A 220 -13.22 -18.60 7.50
C ARG A 220 -13.26 -18.73 5.98
N TRP A 221 -13.15 -17.62 5.26
CA TRP A 221 -13.14 -17.63 3.81
C TRP A 221 -11.74 -17.59 3.23
N GLY A 222 -10.71 -17.81 4.05
CA GLY A 222 -9.36 -17.90 3.56
C GLY A 222 -8.58 -16.61 3.53
N LEU A 223 -9.07 -15.55 4.19
CA LEU A 223 -8.43 -14.24 4.18
C LEU A 223 -7.75 -14.01 5.52
N THR A 224 -6.43 -14.20 5.55
CA THR A 224 -5.64 -13.90 6.74
C THR A 224 -5.45 -12.39 6.86
N THR A 225 -5.55 -11.87 8.09
CA THR A 225 -5.30 -10.46 8.31
C THR A 225 -4.33 -10.24 9.46
N PRO A 226 -3.49 -9.22 9.37
CA PRO A 226 -2.67 -8.79 10.52
C PRO A 226 -3.55 -8.14 11.57
N ASP A 227 -3.02 -7.97 12.78
CA ASP A 227 -3.72 -7.16 13.76
C ASP A 227 -3.96 -5.78 13.16
N GLY A 228 -5.10 -5.21 13.42
CA GLY A 228 -5.39 -3.94 12.81
C GLY A 228 -4.72 -2.80 13.56
N TYR A 229 -4.79 -1.60 13.02
CA TYR A 229 -4.35 -0.46 13.81
C TYR A 229 -5.51 0.52 13.99
N GLU A 230 -5.60 1.03 15.22
CA GLU A 230 -6.77 1.72 15.72
C GLU A 230 -6.58 3.23 15.62
N LEU A 231 -7.57 3.88 15.02
CA LEU A 231 -7.68 5.32 14.92
C LEU A 231 -8.86 5.76 15.77
N HIS A 232 -8.80 6.99 16.27
CA HIS A 232 -9.93 7.59 16.98
C HIS A 232 -10.13 8.99 16.43
N PRO A 233 -10.80 9.10 15.28
CA PRO A 233 -10.73 10.35 14.53
C PRO A 233 -11.70 11.43 14.99
N ASP A 234 -12.65 11.12 15.88
CA ASP A 234 -13.50 12.18 16.43
C ASP A 234 -12.77 13.01 17.48
N LYS A 235 -11.48 12.73 17.71
CA LYS A 235 -10.59 13.57 18.49
C LYS A 235 -9.67 14.41 17.61
N TRP A 236 -9.60 14.12 16.32
CA TRP A 236 -8.66 14.81 15.46
C TRP A 236 -8.98 16.31 15.37
N THR A 237 -7.93 17.12 15.38
N GLY A 243 -12.71 24.13 1.74
CA GLY A 243 -13.78 23.51 0.98
C GLY A 243 -13.23 22.45 0.02
N TYR A 244 -13.31 21.18 0.41
CA TYR A 244 -12.77 20.13 -0.45
C TYR A 244 -13.53 20.08 -1.77
N ASP A 245 -12.80 19.81 -2.85
CA ASP A 245 -13.36 19.63 -4.18
C ASP A 245 -12.91 18.27 -4.71
N PRO A 246 -13.83 17.31 -4.94
CA PRO A 246 -13.39 15.95 -5.30
C PRO A 246 -12.48 15.87 -6.52
N SER A 247 -12.48 16.90 -7.36
CA SER A 247 -11.64 16.90 -8.56
C SER A 247 -10.23 17.34 -8.21
N ASP A 249 -7.24 16.96 -6.73
CA ASP A 249 -5.97 16.39 -6.26
C ASP A 249 -5.52 17.01 -4.93
N LEU A 250 -5.00 16.18 -4.02
CA LEU A 250 -4.57 16.65 -2.70
C LEU A 250 -3.06 16.83 -2.61
N ILE A 251 -2.63 17.89 -1.96
CA ILE A 251 -1.22 18.18 -1.73
C ILE A 251 -0.98 18.29 -0.23
N ALA A 252 0.02 17.56 0.27
CA ALA A 252 0.47 17.67 1.65
C ALA A 252 1.91 18.15 1.63
N GLU A 253 2.17 19.30 2.26
CA GLU A 253 3.53 19.83 2.34
C GLU A 253 4.02 19.74 3.78
N ILE A 254 5.20 19.18 3.97
CA ILE A 254 5.86 19.13 5.28
C ILE A 254 7.08 20.05 5.20
N GLN A 255 7.27 20.86 6.23
CA GLN A 255 8.34 21.85 6.27
C GLN A 255 9.11 21.73 7.59
N LYS A 256 10.38 22.17 7.56
CA LYS A 256 11.14 22.35 8.79
C LYS A 256 10.70 23.64 9.48
N GLN A 257 10.32 23.53 10.76
CA GLN A 257 9.95 24.67 11.60
C GLN A 257 11.13 24.88 12.54
N GLY A 258 12.01 25.84 12.21
CA GLY A 258 13.25 26.01 12.94
C GLY A 258 14.00 24.70 13.01
N GLN A 259 14.31 24.25 14.22
CA GLN A 259 14.61 22.85 14.52
C GLN A 259 13.70 22.43 15.67
N GLY A 260 13.62 21.13 15.91
CA GLY A 260 12.80 20.60 16.98
C GLY A 260 11.38 20.13 16.61
N GLN A 261 10.77 20.67 15.56
CA GLN A 261 9.47 20.11 15.19
C GLN A 261 9.13 20.30 13.71
N TRP A 262 8.13 19.55 13.28
CA TRP A 262 7.71 19.49 11.88
C TRP A 262 6.36 20.17 11.77
N THR A 263 6.11 20.87 10.67
CA THR A 263 4.77 21.33 10.33
C THR A 263 4.36 20.81 8.97
N TYR A 264 3.04 20.65 8.80
CA TYR A 264 2.51 20.29 7.49
C TYR A 264 1.19 21.00 7.18
N GLN A 265 0.95 21.14 5.88
CA GLN A 265 -0.22 21.78 5.31
C GLN A 265 -0.82 20.81 4.31
N ILE A 266 -2.14 20.67 4.38
CA ILE A 266 -2.90 19.89 3.39
C ILE A 266 -3.83 20.85 2.69
N TYR A 267 -3.74 20.89 1.38
CA TYR A 267 -4.43 21.88 0.58
C TYR A 267 -4.51 21.35 -0.85
N GLN A 268 -5.42 21.95 -1.62
CA GLN A 268 -5.44 21.78 -3.07
C GLN A 268 -5.10 23.05 -3.85
N GLU A 269 -5.56 24.20 -3.40
CA GLU A 269 -5.13 25.50 -3.92
C GLU A 269 -4.21 26.21 -2.90
N PRO A 270 -3.24 26.99 -3.37
CA PRO A 270 -2.14 27.38 -2.46
C PRO A 270 -2.57 28.16 -1.22
N SER A 271 -3.54 29.07 -1.33
CA SER A 271 -3.86 29.95 -0.20
C SER A 271 -4.56 29.19 0.91
N LYS A 272 -5.72 28.61 0.59
CA LYS A 272 -6.55 27.96 1.62
C LYS A 272 -6.00 26.58 1.94
N ASN A 273 -5.67 26.36 3.21
CA ASN A 273 -5.37 25.03 3.72
C ASN A 273 -6.67 24.37 4.19
N LEU A 274 -6.74 23.05 4.00
CA LEU A 274 -7.83 22.24 4.53
C LEU A 274 -7.48 21.69 5.91
N LYS A 275 -6.19 21.51 6.18
CA LYS A 275 -5.72 20.95 7.44
C LYS A 275 -4.26 21.35 7.56
N THR A 276 -3.84 21.63 8.79
CA THR A 276 -2.46 21.90 9.15
C THR A 276 -2.18 21.21 10.49
N GLY A 277 -0.93 20.93 10.74
CA GLY A 277 -0.59 20.18 11.91
C GLY A 277 0.87 20.27 12.21
N LYS A 278 1.29 19.57 13.28
CA LYS A 278 2.68 19.62 13.74
C LYS A 278 3.10 18.23 14.22
N TYR A 279 4.39 17.94 14.06
CA TYR A 279 5.04 16.77 14.65
C TYR A 279 6.40 17.24 15.17
N ALA A 280 6.95 16.51 16.14
CA ALA A 280 8.28 16.81 16.67
C ALA A 280 9.39 16.25 15.79
N ARG A 281 10.47 17.02 15.64
CA ARG A 281 11.64 16.60 14.86
C ARG A 281 12.73 16.28 15.87
N MET A 282 12.82 15.02 16.29
CA MET A 282 13.69 14.67 17.41
C MET A 282 15.03 14.14 16.89
N ARG A 283 16.10 14.46 17.61
CA ARG A 283 17.42 13.93 17.30
C ARG A 283 17.72 12.79 18.27
N GLY A 284 18.37 11.75 17.75
CA GLY A 284 18.69 10.59 18.59
C GLY A 284 19.38 9.50 17.80
N ALA A 285 19.88 8.51 18.53
CA ALA A 285 20.69 7.44 17.96
C ALA A 285 19.84 6.46 17.16
N HIS A 286 18.51 6.57 17.25
CA HIS A 286 17.59 5.60 16.68
C HIS A 286 16.60 6.27 15.74
N THR A 287 16.88 7.49 15.32
CA THR A 287 15.97 8.21 14.46
C THR A 287 16.77 9.21 13.63
N ASN A 288 16.09 9.78 12.64
CA ASN A 288 16.69 10.71 11.69
C ASN A 288 15.52 11.35 10.97
N ASP A 289 15.81 12.31 10.08
CA ASP A 289 14.73 13.02 9.40
C ASP A 289 13.94 12.09 8.46
N VAL A 290 14.61 11.16 7.78
CA VAL A 290 13.90 10.30 6.83
C VAL A 290 12.92 9.41 7.58
N LYS A 291 13.38 8.72 8.63
CA LYS A 291 12.47 7.89 9.41
C LYS A 291 11.26 8.69 9.91
N GLN A 292 11.49 9.89 10.41
CA GLN A 292 10.37 10.68 10.90
C GLN A 292 9.47 11.11 9.76
N LEU A 293 10.06 11.52 8.64
CA LEU A 293 9.23 11.91 7.50
C LEU A 293 8.42 10.73 6.98
N THR A 294 8.97 9.52 7.00
CA THR A 294 8.14 8.41 6.53
C THR A 294 7.00 8.17 7.50
N GLU A 295 7.22 8.32 8.81
CA GLU A 295 6.14 8.21 9.78
C GLU A 295 5.07 9.26 9.49
N ALA A 296 5.51 10.49 9.21
CA ALA A 296 4.54 11.55 9.01
C ALA A 296 3.77 11.32 7.71
N VAL A 297 4.46 10.89 6.68
CA VAL A 297 3.74 10.61 5.46
C VAL A 297 2.67 9.57 5.72
N GLN A 298 3.02 8.52 6.48
CA GLN A 298 2.03 7.46 6.71
C GLN A 298 0.86 7.98 7.55
N LYS A 299 1.13 8.81 8.53
CA LYS A 299 0.04 9.32 9.35
C LYS A 299 -0.83 10.32 8.60
N ILE A 300 -0.23 11.24 7.84
CA ILE A 300 -1.02 12.18 7.05
C ILE A 300 -1.84 11.44 6.00
N THR A 301 -1.25 10.40 5.40
CA THR A 301 -2.00 9.65 4.39
C THR A 301 -3.22 9.00 5.04
N THR A 302 -2.99 8.25 6.11
CA THR A 302 -4.10 7.60 6.78
C THR A 302 -5.18 8.61 7.14
N GLU A 303 -4.78 9.75 7.69
CA GLU A 303 -5.77 10.76 8.04
C GLU A 303 -6.51 11.25 6.81
N SER A 304 -5.78 11.42 5.69
CA SER A 304 -6.41 11.96 4.50
C SER A 304 -7.42 10.97 3.94
N ILE A 305 -7.07 9.69 3.91
CA ILE A 305 -8.00 8.66 3.45
C ILE A 305 -9.28 8.70 4.28
N VAL A 306 -9.13 8.71 5.60
CA VAL A 306 -10.27 8.81 6.50
C VAL A 306 -11.12 10.04 6.22
N ILE A 307 -10.51 11.21 5.99
CA ILE A 307 -11.31 12.44 5.95
C ILE A 307 -11.89 12.65 4.56
N TRP A 308 -11.06 12.47 3.53
CA TRP A 308 -11.47 12.80 2.17
C TRP A 308 -11.46 11.62 1.23
N GLY A 309 -10.93 10.47 1.64
CA GLY A 309 -10.81 9.35 0.73
C GLY A 309 -9.84 9.55 -0.42
N LYS A 310 -8.75 10.27 -0.18
CA LYS A 310 -7.76 10.52 -1.22
C LYS A 310 -6.41 10.46 -0.52
N THR A 311 -5.42 9.97 -1.23
CA THR A 311 -4.02 9.99 -0.82
C THR A 311 -3.38 11.22 -1.36
N PRO A 312 -2.73 12.06 -0.56
CA PRO A 312 -2.08 13.26 -1.12
C PRO A 312 -0.83 12.91 -1.90
N LYS A 313 -0.45 13.86 -2.77
CA LYS A 313 0.90 13.99 -3.28
C LYS A 313 1.65 14.79 -2.24
N PHE A 314 2.89 14.40 -1.95
CA PHE A 314 3.66 15.07 -0.90
C PHE A 314 4.79 15.92 -1.44
N LYS A 315 5.06 17.03 -0.76
CA LYS A 315 6.26 17.85 -0.95
C LYS A 315 7.02 17.72 0.36
N LEU A 316 8.21 17.09 0.30
CA LEU A 316 9.00 16.78 1.45
C LEU A 316 10.18 17.72 1.56
N PRO A 317 10.55 18.12 2.79
CA PRO A 317 11.69 19.03 3.03
C PRO A 317 13.01 18.30 3.10
N ILE A 318 13.43 17.77 1.97
CA ILE A 318 14.66 16.99 1.89
C ILE A 318 15.09 16.81 0.44
N GLN A 319 16.40 16.63 0.23
CA GLN A 319 16.91 16.40 -1.12
C GLN A 319 16.35 15.09 -1.64
N LYS A 320 16.15 15.02 -2.96
CA LYS A 320 15.70 13.75 -3.53
C LYS A 320 16.73 12.65 -3.30
N GLU A 321 18.01 13.02 -3.40
CA GLU A 321 19.08 12.03 -3.24
C GLU A 321 19.03 11.39 -1.87
N THR A 322 18.82 12.20 -0.83
CA THR A 322 18.79 11.67 0.54
C THR A 322 17.53 10.86 0.80
N TRP A 323 16.40 11.30 0.26
CA TRP A 323 15.20 10.49 0.33
C TRP A 323 15.36 9.21 -0.48
N GLU A 324 15.69 9.35 -1.77
CA GLU A 324 15.86 8.18 -2.64
C GLU A 324 16.80 7.18 -2.01
N THR A 325 17.83 7.66 -1.30
CA THR A 325 18.74 6.76 -0.60
C THR A 325 18.02 5.91 0.44
N TRP A 326 17.34 6.55 1.41
CA TRP A 326 17.01 5.92 2.69
C TRP A 326 15.55 5.57 2.92
N TRP A 327 14.63 6.05 2.10
CA TRP A 327 13.23 5.95 2.50
C TRP A 327 12.80 4.50 2.70
N THR A 328 13.31 3.58 1.86
CA THR A 328 12.92 2.18 1.99
C THR A 328 13.39 1.53 3.29
N GLU A 329 14.35 2.13 4.00
CA GLU A 329 14.84 1.54 5.24
C GLU A 329 13.78 1.54 6.34
N TYR A 330 12.80 2.45 6.30
CA TYR A 330 11.79 2.55 7.34
C TYR A 330 10.36 2.36 6.84
N TRP A 331 10.14 2.16 5.55
CA TRP A 331 8.81 2.26 4.99
C TRP A 331 7.98 1.03 5.34
N GLN A 332 6.93 1.19 6.15
CA GLN A 332 6.12 0.06 6.59
C GLN A 332 4.81 -0.13 5.84
N ALA A 333 4.51 0.71 4.85
CA ALA A 333 3.22 0.67 4.16
C ALA A 333 3.30 -0.20 2.93
N THR A 334 2.17 -0.80 2.55
CA THR A 334 2.08 -1.57 1.33
C THR A 334 1.94 -0.68 0.10
N TRP A 335 1.37 0.52 0.26
CA TRP A 335 1.21 1.54 -0.77
C TRP A 335 2.41 2.49 -0.76
N ILE A 336 2.57 3.21 -1.87
CA ILE A 336 3.68 4.18 -1.98
C ILE A 336 3.13 5.41 -2.69
N PRO A 337 3.14 6.59 -2.09
CA PRO A 337 2.54 7.77 -2.73
C PRO A 337 3.55 8.44 -3.66
N GLU A 338 3.10 9.52 -4.32
CA GLU A 338 4.00 10.35 -5.11
C GLU A 338 4.51 11.49 -4.26
N TRP A 339 5.75 11.90 -4.56
CA TRP A 339 6.39 12.93 -3.76
C TRP A 339 7.43 13.69 -4.57
N GLU A 340 7.54 14.98 -4.27
CA GLU A 340 8.51 15.94 -4.80
C GLU A 340 9.45 16.37 -3.68
N PHE A 341 10.38 17.26 -4.01
CA PHE A 341 11.44 17.61 -3.05
C PHE A 341 11.88 19.06 -3.24
N VAL A 342 12.93 19.43 -2.49
CA VAL A 342 13.62 20.70 -2.69
C VAL A 342 14.62 20.57 -3.85
#